data_2AA4
#
_entry.id   2AA4
#
_cell.length_a   40.991
_cell.length_b   75.841
_cell.length_c   166.646
_cell.angle_alpha   90.00
_cell.angle_beta   90.00
_cell.angle_gamma   90.00
#
_symmetry.space_group_name_H-M   'P 21 21 21'
#
loop_
_entity.id
_entity.type
_entity.pdbx_description
1 polymer 'Putative N-acetylmannosamine kinase'
2 non-polymer 'ZINC ION'
3 water water
#
_entity_poly.entity_id   1
_entity_poly.type   'polypeptide(L)'
_entity_poly.pdbx_seq_one_letter_code
;MTTLAIDIGGTKLAAALIGADGQIRDRRELPTPASQTPEALRDALSALVSPLQAHAQRVAIASTGIIRDGSLLALNPHNL
GGLLHFPLVKTLEQLTNLPTIAINDAQAAAWAEFQALDGDITDMVFITVSTGVGGGVVSGCKLLTGPGGLAGHIGHTLAD
PHGPVCGCGRTGCVEAIASGRGIAAAAQGELAGADAKTIFTRAGQGDEQAQQLIHRSARTLARLIADIKATTDCQCVVVG
GSVGLAEGYLALVETYLAQEPAAFHVDLLAAHYRHDAGLLGAALLAQGE
;
_entity_poly.pdbx_strand_id   A,B
#
# COMPACT_ATOMS: atom_id res chain seq x y z
N MET A 1 8.58 31.56 12.51
CA MET A 1 9.24 30.74 13.57
C MET A 1 10.18 29.68 12.99
N THR A 2 11.18 29.30 13.78
CA THR A 2 12.28 28.45 13.35
C THR A 2 12.16 27.05 13.97
N THR A 3 12.46 26.03 13.15
CA THR A 3 12.51 24.65 13.63
C THR A 3 13.95 24.19 13.78
N LEU A 4 14.26 23.62 14.95
CA LEU A 4 15.48 22.85 15.14
C LEU A 4 15.24 21.45 14.53
N ALA A 5 15.65 21.28 13.29
CA ALA A 5 15.51 20.01 12.58
C ALA A 5 16.67 19.10 12.94
N ILE A 6 16.37 17.83 13.19
CA ILE A 6 17.38 16.83 13.53
C ILE A 6 17.20 15.62 12.62
N ASP A 7 18.33 15.03 12.20
CA ASP A 7 18.32 13.79 11.44
C ASP A 7 19.20 12.77 12.16
N ILE A 8 18.57 11.70 12.64
CA ILE A 8 19.26 10.63 13.35
C ILE A 8 19.39 9.43 12.42
N GLY A 9 20.63 9.08 12.11
CA GLY A 9 20.91 7.95 11.23
C GLY A 9 21.73 6.90 11.94
N GLY A 10 22.22 5.91 11.19
CA GLY A 10 23.05 4.85 11.75
C GLY A 10 24.45 5.33 12.05
N THR A 11 24.99 6.18 11.17
CA THR A 11 26.37 6.65 11.32
C THR A 11 26.46 8.05 11.93
N LYS A 12 25.67 8.99 11.42
CA LYS A 12 25.81 10.39 11.81
C LYS A 12 24.53 11.03 12.32
N LEU A 13 24.68 11.86 13.34
CA LEU A 13 23.61 12.67 13.87
C LEU A 13 23.79 14.10 13.34
N ALA A 14 22.79 14.61 12.64
CA ALA A 14 22.85 15.97 12.08
C ALA A 14 21.69 16.85 12.59
N ALA A 15 21.94 18.16 12.64
CA ALA A 15 20.97 19.15 13.12
C ALA A 15 21.15 20.51 12.48
N ALA A 16 20.05 21.22 12.26
CA ALA A 16 20.09 22.55 11.65
C ALA A 16 18.94 23.43 12.12
N LEU A 17 19.06 24.73 11.87
CA LEU A 17 17.94 25.66 12.08
C LEU A 17 17.29 25.98 10.75
N ILE A 18 15.97 25.81 10.69
CA ILE A 18 15.24 25.99 9.44
C ILE A 18 13.99 26.83 9.65
N GLY A 19 14.00 28.02 9.06
CA GLY A 19 12.88 28.95 9.15
C GLY A 19 11.84 28.71 8.06
N ALA A 20 10.94 29.68 7.89
CA ALA A 20 9.82 29.55 6.95
C ALA A 20 10.26 29.53 5.48
N ASP A 21 11.40 30.15 5.20
CA ASP A 21 11.94 30.21 3.83
C ASP A 21 12.51 28.87 3.34
N GLY A 22 12.69 27.94 4.27
CA GLY A 22 13.20 26.61 3.94
C GLY A 22 14.72 26.55 3.81
N GLN A 23 15.40 27.60 4.26
CA GLN A 23 16.86 27.64 4.20
C GLN A 23 17.48 26.86 5.36
N ILE A 24 18.33 25.89 5.04
CA ILE A 24 19.05 25.14 6.06
C ILE A 24 20.22 25.95 6.61
N ARG A 25 20.09 26.41 7.86
CA ARG A 25 21.07 27.30 8.45
C ARG A 25 21.79 26.68 9.64
N ASP A 26 23.06 26.99 9.79
CA ASP A 26 23.83 26.60 10.97
C ASP A 26 23.86 25.08 11.12
N ARG A 27 24.09 24.38 10.02
CA ARG A 27 24.12 22.92 10.02
C ARG A 27 25.30 22.38 10.85
N ARG A 28 25.01 21.46 11.77
CA ARG A 28 26.03 20.82 12.60
C ARG A 28 25.98 19.31 12.42
N GLU A 29 26.96 18.60 12.96
CA GLU A 29 27.04 17.14 12.81
C GLU A 29 27.86 16.47 13.92
N LEU A 30 27.46 15.24 14.27
CA LEU A 30 28.17 14.40 15.24
C LEU A 30 28.03 12.92 14.83
N PRO A 31 29.03 12.09 15.16
CA PRO A 31 28.88 10.66 14.92
C PRO A 31 27.95 9.99 15.93
N THR A 32 27.17 9.02 15.46
CA THR A 32 26.29 8.21 16.31
C THR A 32 27.16 7.37 17.24
N PRO A 33 26.87 7.40 18.56
CA PRO A 33 27.59 6.59 19.55
C PRO A 33 27.60 5.10 19.22
N ALA A 34 28.77 4.48 19.35
CA ALA A 34 28.90 3.05 19.14
C ALA A 34 28.19 2.26 20.25
N SER A 35 28.31 2.75 21.49
CA SER A 35 27.56 2.18 22.62
C SER A 35 26.12 2.66 22.52
N GLN A 36 25.25 1.75 22.10
CA GLN A 36 23.84 2.07 21.93
C GLN A 36 23.11 2.06 23.28
N THR A 37 23.56 2.92 24.20
CA THR A 37 22.88 3.11 25.48
C THR A 37 22.04 4.39 25.39
N PRO A 38 20.94 4.46 26.16
CA PRO A 38 20.14 5.70 26.24
C PRO A 38 20.91 6.89 26.81
N GLU A 39 21.82 6.64 27.77
CA GLU A 39 22.65 7.71 28.34
C GLU A 39 23.60 8.33 27.31
N ALA A 40 24.21 7.49 26.47
CA ALA A 40 25.16 7.96 25.46
C ALA A 40 24.48 8.70 24.31
N LEU A 41 23.28 8.24 23.92
CA LEU A 41 22.53 8.94 22.89
C LEU A 41 22.02 10.28 23.42
N ARG A 42 21.58 10.30 24.69
CA ARG A 42 21.17 11.55 25.34
C ARG A 42 22.29 12.59 25.36
N ASP A 43 23.51 12.16 25.69
CA ASP A 43 24.69 13.03 25.70
C ASP A 43 25.04 13.54 24.30
N ALA A 44 25.01 12.65 23.32
CA ALA A 44 25.36 12.99 21.94
C ALA A 44 24.33 13.90 21.28
N LEU A 45 23.07 13.77 21.68
CA LEU A 45 22.02 14.66 21.21
C LEU A 45 22.11 16.02 21.90
N SER A 46 22.34 16.00 23.22
CA SER A 46 22.48 17.20 24.02
C SER A 46 23.58 18.10 23.48
N ALA A 47 24.73 17.50 23.19
CA ALA A 47 25.88 18.19 22.63
C ALA A 47 25.60 18.75 21.23
N LEU A 48 24.88 17.99 20.42
CA LEU A 48 24.58 18.36 19.04
C LEU A 48 23.70 19.62 18.93
N VAL A 49 22.71 19.73 19.81
CA VAL A 49 21.67 20.75 19.68
C VAL A 49 21.82 21.96 20.62
N SER A 50 22.75 21.88 21.58
CA SER A 50 22.96 22.97 22.55
C SER A 50 23.33 24.34 21.96
N PRO A 51 24.16 24.40 20.90
CA PRO A 51 24.39 25.71 20.27
C PRO A 51 23.20 26.24 19.46
N LEU A 52 22.23 25.39 19.16
CA LEU A 52 21.13 25.77 18.27
C LEU A 52 19.78 25.99 18.97
N GLN A 53 19.60 25.32 20.10
CA GLN A 53 18.29 25.22 20.76
C GLN A 53 17.71 26.53 21.30
N ALA A 54 18.56 27.51 21.58
CA ALA A 54 18.09 28.81 22.05
C ALA A 54 17.56 29.68 20.91
N HIS A 55 17.68 29.18 19.68
CA HIS A 55 17.28 29.92 18.49
C HIS A 55 16.14 29.25 17.73
N ALA A 56 15.43 28.36 18.41
CA ALA A 56 14.32 27.63 17.79
C ALA A 56 13.08 27.63 18.67
N GLN A 57 11.93 27.47 18.03
CA GLN A 57 10.65 27.44 18.72
C GLN A 57 10.13 26.01 18.85
N ARG A 58 10.62 25.12 17.98
CA ARG A 58 10.16 23.72 17.95
C ARG A 58 11.24 22.77 17.44
N VAL A 59 11.17 21.52 17.87
CA VAL A 59 12.09 20.49 17.42
C VAL A 59 11.37 19.49 16.51
N ALA A 60 12.02 19.09 15.43
CA ALA A 60 11.50 18.03 14.56
C ALA A 60 12.63 17.06 14.21
N ILE A 61 12.37 15.77 14.46
CA ILE A 61 13.39 14.74 14.23
C ILE A 61 12.99 13.77 13.12
N ALA A 62 13.83 13.71 12.09
CA ALA A 62 13.77 12.66 11.08
C ALA A 62 14.68 11.55 11.57
N SER A 63 14.15 10.34 11.67
CA SER A 63 14.92 9.23 12.23
C SER A 63 14.80 7.97 11.38
N THR A 64 15.90 7.21 11.35
CA THR A 64 15.90 5.89 10.77
C THR A 64 15.09 4.95 11.69
N GLY A 65 14.59 3.85 11.13
CA GLY A 65 13.75 2.93 11.90
C GLY A 65 12.30 3.40 11.97
N ILE A 66 11.63 3.06 13.08
CA ILE A 66 10.20 3.28 13.25
C ILE A 66 9.95 4.18 14.48
N ILE A 67 9.10 5.20 14.31
CA ILE A 67 8.71 6.03 15.44
C ILE A 67 7.30 5.69 15.91
N ARG A 68 7.21 5.09 17.09
CA ARG A 68 5.93 4.71 17.67
C ARG A 68 5.79 5.36 19.05
N ASP A 69 4.75 6.18 19.20
CA ASP A 69 4.49 6.94 20.44
C ASP A 69 5.73 7.73 20.87
N GLY A 70 6.37 8.38 19.90
CA GLY A 70 7.57 9.17 20.15
C GLY A 70 8.81 8.37 20.56
N SER A 71 8.75 7.05 20.40
CA SER A 71 9.86 6.18 20.77
C SER A 71 10.45 5.43 19.59
N LEU A 72 11.71 5.05 19.75
CA LEU A 72 12.48 4.46 18.66
C LEU A 72 12.28 2.94 18.59
N LEU A 73 11.83 2.48 17.43
CA LEU A 73 11.69 1.05 17.14
C LEU A 73 12.40 0.78 15.83
N ALA A 74 12.61 -0.49 15.51
CA ALA A 74 13.13 -0.90 14.21
C ALA A 74 12.58 -2.26 13.82
N LEU A 75 12.67 -2.57 12.52
CA LEU A 75 12.28 -3.88 11.98
C LEU A 75 13.20 -5.02 12.43
N ASN A 76 14.34 -4.68 13.01
CA ASN A 76 15.12 -5.65 13.78
C ASN A 76 15.49 -5.08 15.16
N PRO A 77 14.66 -5.35 16.18
CA PRO A 77 14.78 -4.81 17.54
C PRO A 77 16.15 -5.03 18.18
N HIS A 78 16.86 -6.07 17.75
CA HIS A 78 18.20 -6.37 18.25
C HIS A 78 19.24 -5.37 17.73
N ASN A 79 18.97 -4.76 16.58
CA ASN A 79 19.89 -3.80 15.96
C ASN A 79 19.95 -2.43 16.62
N LEU A 80 19.04 -2.18 17.57
CA LEU A 80 19.06 -0.92 18.33
C LEU A 80 19.79 -1.07 19.67
N GLY A 81 20.00 -2.31 20.11
CA GLY A 81 20.67 -2.57 21.39
C GLY A 81 19.86 -2.07 22.56
N GLY A 82 20.47 -1.21 23.37
CA GLY A 82 19.77 -0.58 24.48
C GLY A 82 18.94 0.62 24.05
N LEU A 83 18.90 0.88 22.74
CA LEU A 83 18.10 1.99 22.18
C LEU A 83 16.69 1.59 21.71
N LEU A 84 16.34 0.31 21.86
CA LEU A 84 14.96 -0.10 21.61
C LEU A 84 14.08 0.58 22.64
N HIS A 85 13.01 1.21 22.14
CA HIS A 85 12.06 1.99 22.95
C HIS A 85 12.66 3.24 23.60
N PHE A 86 13.75 3.75 23.03
CA PHE A 86 14.32 5.03 23.47
C PHE A 86 13.30 6.14 23.29
N PRO A 87 12.98 6.86 24.38
CA PRO A 87 11.94 7.90 24.33
C PRO A 87 12.48 9.17 23.66
N LEU A 88 12.59 9.10 22.33
CA LEU A 88 13.20 10.14 21.49
C LEU A 88 12.56 11.51 21.67
N VAL A 89 11.24 11.59 21.53
CA VAL A 89 10.52 12.86 21.70
C VAL A 89 10.68 13.40 23.13
N LYS A 90 10.51 12.52 24.11
CA LYS A 90 10.60 12.91 25.52
C LYS A 90 11.99 13.44 25.88
N THR A 91 13.01 12.77 25.35
CA THR A 91 14.40 13.18 25.58
C THR A 91 14.65 14.61 25.14
N LEU A 92 14.29 14.91 23.90
CA LEU A 92 14.44 16.25 23.36
C LEU A 92 13.65 17.27 24.16
N GLU A 93 12.40 16.92 24.48
CA GLU A 93 11.54 17.80 25.24
C GLU A 93 12.22 18.21 26.55
N GLN A 94 12.91 17.26 27.18
CA GLN A 94 13.60 17.52 28.43
C GLN A 94 14.89 18.32 28.23
N LEU A 95 15.59 18.05 27.14
CA LEU A 95 16.85 18.73 26.83
C LEU A 95 16.67 20.18 26.38
N THR A 96 15.61 20.45 25.62
CA THR A 96 15.43 21.77 24.99
C THR A 96 14.26 22.59 25.55
N ASN A 97 13.25 21.90 26.08
CA ASN A 97 12.00 22.51 26.56
C ASN A 97 11.12 23.00 25.40
N LEU A 98 11.36 22.44 24.21
CA LEU A 98 10.62 22.82 23.03
C LEU A 98 9.63 21.73 22.64
N PRO A 99 8.50 22.13 22.03
CA PRO A 99 7.59 21.13 21.45
C PRO A 99 8.33 20.29 20.40
N THR A 100 8.17 18.97 20.49
CA THR A 100 8.98 18.03 19.72
C THR A 100 8.12 17.02 18.98
N ILE A 101 8.42 16.81 17.70
CA ILE A 101 7.84 15.73 16.93
C ILE A 101 8.95 14.83 16.40
N ALA A 102 8.64 13.56 16.19
CA ALA A 102 9.57 12.65 15.54
C ALA A 102 8.86 11.86 14.45
N ILE A 103 9.56 11.59 13.36
CA ILE A 103 9.02 10.87 12.20
C ILE A 103 10.12 10.03 11.58
N ASN A 104 9.73 8.98 10.86
CA ASN A 104 10.67 8.18 10.07
C ASN A 104 11.34 9.06 9.00
N ASP A 105 12.63 8.86 8.77
CA ASP A 105 13.41 9.68 7.84
C ASP A 105 12.94 9.64 6.38
N ALA A 106 12.43 8.50 5.92
CA ALA A 106 11.92 8.40 4.54
C ALA A 106 10.55 9.05 4.41
N GLN A 107 9.77 9.00 5.49
CA GLN A 107 8.49 9.72 5.58
C GLN A 107 8.74 11.23 5.59
N ALA A 108 9.76 11.64 6.31
CA ALA A 108 10.21 13.04 6.32
C ALA A 108 10.62 13.48 4.92
N ALA A 109 11.48 12.69 4.27
CA ALA A 109 11.95 12.98 2.92
C ALA A 109 10.81 13.04 1.90
N ALA A 110 9.82 12.15 2.06
CA ALA A 110 8.64 12.11 1.18
C ALA A 110 7.84 13.41 1.22
N TRP A 111 7.63 13.93 2.42
CA TRP A 111 6.89 15.16 2.59
C TRP A 111 7.58 16.36 1.95
N ALA A 112 8.90 16.44 2.08
CA ALA A 112 9.70 17.45 1.42
C ALA A 112 9.60 17.33 -0.09
N GLU A 113 9.69 16.11 -0.60
CA GLU A 113 9.59 15.87 -2.04
C GLU A 113 8.20 16.22 -2.56
N PHE A 114 7.17 15.88 -1.80
CA PHE A 114 5.80 16.23 -2.16
C PHE A 114 5.61 17.73 -2.29
N GLN A 115 6.16 18.49 -1.35
CA GLN A 115 6.01 19.93 -1.33
C GLN A 115 6.74 20.61 -2.48
N ALA A 116 7.85 20.01 -2.91
CA ALA A 116 8.63 20.52 -4.05
C ALA A 116 8.00 20.22 -5.41
N LEU A 117 6.93 19.42 -5.42
CA LEU A 117 6.20 19.12 -6.66
C LEU A 117 5.25 20.24 -7.01
N ASP A 118 4.68 20.18 -8.22
CA ASP A 118 3.66 21.12 -8.65
C ASP A 118 2.34 20.89 -7.90
N GLY A 119 1.49 21.92 -7.89
CA GLY A 119 0.29 21.94 -7.05
C GLY A 119 -0.83 20.96 -7.36
N ASP A 120 -0.82 20.36 -8.54
CA ASP A 120 -1.90 19.48 -8.97
C ASP A 120 -1.85 18.07 -8.35
N ILE A 121 -0.64 17.59 -8.03
CA ILE A 121 -0.47 16.26 -7.43
C ILE A 121 -0.98 16.22 -6.00
N THR A 122 -1.92 15.33 -5.74
CA THR A 122 -2.47 15.12 -4.41
C THR A 122 -1.94 13.82 -3.80
N ASP A 123 -1.54 12.90 -4.67
CA ASP A 123 -1.13 11.55 -4.27
C ASP A 123 0.25 11.17 -4.81
N MET A 124 1.20 10.99 -3.90
CA MET A 124 2.58 10.71 -4.26
C MET A 124 3.20 9.66 -3.34
N VAL A 125 4.05 8.81 -3.90
CA VAL A 125 4.88 7.90 -3.10
C VAL A 125 6.36 8.20 -3.34
N PHE A 126 7.12 8.24 -2.26
CA PHE A 126 8.58 8.44 -2.35
C PHE A 126 9.29 7.14 -2.01
N ILE A 127 10.31 6.82 -2.81
CA ILE A 127 11.15 5.64 -2.56
C ILE A 127 12.61 6.07 -2.54
N THR A 128 13.33 5.71 -1.48
CA THR A 128 14.76 5.94 -1.48
C THR A 128 15.50 4.62 -1.52
N VAL A 129 16.45 4.51 -2.44
CA VAL A 129 17.29 3.32 -2.54
C VAL A 129 18.73 3.74 -2.35
N SER A 130 19.31 3.34 -1.24
CA SER A 130 20.73 3.53 -0.97
C SER A 130 21.23 2.25 -0.32
N THR A 131 21.69 2.33 0.92
CA THR A 131 22.10 1.13 1.63
C THR A 131 20.88 0.24 1.87
N GLY A 132 19.76 0.86 2.22
CA GLY A 132 18.48 0.17 2.36
C GLY A 132 17.43 0.70 1.40
N VAL A 133 16.20 0.22 1.53
CA VAL A 133 15.09 0.79 0.77
C VAL A 133 14.02 1.34 1.71
N GLY A 134 13.75 2.63 1.62
CA GLY A 134 12.72 3.27 2.44
C GLY A 134 11.68 4.00 1.63
N GLY A 135 10.53 4.27 2.23
CA GLY A 135 9.48 5.00 1.55
C GLY A 135 8.58 5.87 2.42
N GLY A 136 7.76 6.67 1.74
CA GLY A 136 6.74 7.48 2.39
C GLY A 136 5.54 7.57 1.46
N VAL A 137 4.34 7.54 2.04
CA VAL A 137 3.10 7.62 1.27
C VAL A 137 2.42 8.93 1.60
N VAL A 138 2.10 9.70 0.56
CA VAL A 138 1.28 10.88 0.71
C VAL A 138 -0.01 10.63 -0.06
N SER A 139 -1.13 10.63 0.65
CA SER A 139 -2.45 10.47 0.05
C SER A 139 -3.32 11.67 0.41
N GLY A 140 -4.04 12.21 -0.57
CA GLY A 140 -4.89 13.38 -0.36
C GLY A 140 -4.16 14.53 0.31
N CYS A 141 -2.94 14.79 -0.15
CA CYS A 141 -2.05 15.83 0.39
C CYS A 141 -1.70 15.66 1.87
N LYS A 142 -1.82 14.42 2.36
CA LYS A 142 -1.47 14.13 3.74
C LYS A 142 -0.46 13.00 3.79
N LEU A 143 0.59 13.20 4.59
CA LEU A 143 1.57 12.17 4.85
C LEU A 143 0.97 11.10 5.76
N LEU A 144 1.02 9.87 5.30
CA LEU A 144 0.56 8.73 6.09
CA LEU A 144 0.56 8.75 6.11
C LEU A 144 1.72 8.18 6.91
N THR A 145 1.68 8.38 8.23
CA THR A 145 2.69 7.85 9.13
C THR A 145 2.26 6.48 9.66
N GLY A 146 0.95 6.30 9.80
CA GLY A 146 0.40 5.10 10.42
C GLY A 146 0.32 5.28 11.93
N PRO A 147 -0.67 4.62 12.57
CA PRO A 147 -0.85 4.69 14.03
C PRO A 147 0.38 4.23 14.83
N GLY A 148 1.17 3.33 14.25
CA GLY A 148 2.42 2.89 14.89
C GLY A 148 3.68 3.39 14.20
N GLY A 149 3.51 4.33 13.28
CA GLY A 149 4.64 4.98 12.64
C GLY A 149 5.30 4.10 11.59
N LEU A 150 4.56 3.12 11.10
CA LEU A 150 5.11 2.10 10.23
C LEU A 150 5.00 2.50 8.76
N ALA A 151 3.86 3.09 8.40
CA ALA A 151 3.43 3.14 7.01
C ALA A 151 4.56 3.56 6.09
N GLY A 152 4.51 3.14 4.84
CA GLY A 152 5.53 3.48 3.86
C GLY A 152 6.80 2.63 3.93
N HIS A 153 6.76 1.54 4.70
CA HIS A 153 7.91 0.64 4.78
C HIS A 153 7.93 -0.37 3.64
N ILE A 154 7.99 0.17 2.42
CA ILE A 154 7.82 -0.60 1.20
C ILE A 154 9.07 -1.38 0.79
N GLY A 155 10.19 -1.11 1.44
CA GLY A 155 11.38 -1.91 1.23
C GLY A 155 11.20 -3.32 1.76
N HIS A 156 10.23 -3.47 2.68
CA HIS A 156 9.96 -4.74 3.34
C HIS A 156 8.61 -5.35 2.95
N THR A 157 8.31 -5.19 1.67
CA THR A 157 7.23 -5.90 1.03
C THR A 157 7.87 -6.92 0.11
N LEU A 158 7.11 -7.94 -0.27
CA LEU A 158 7.66 -9.10 -0.96
C LEU A 158 8.06 -8.83 -2.41
N ALA A 159 9.30 -9.15 -2.73
CA ALA A 159 9.79 -9.15 -4.11
C ALA A 159 9.83 -10.56 -4.71
N ASP A 160 10.24 -11.54 -3.89
CA ASP A 160 10.36 -12.93 -4.34
C ASP A 160 10.36 -13.86 -3.12
N PRO A 161 9.37 -14.77 -3.04
CA PRO A 161 9.31 -15.74 -1.92
C PRO A 161 10.45 -16.76 -1.88
N HIS A 162 11.20 -16.89 -2.96
CA HIS A 162 12.44 -17.69 -2.98
C HIS A 162 13.67 -16.80 -3.08
N GLY A 163 13.52 -15.54 -2.67
CA GLY A 163 14.62 -14.58 -2.63
C GLY A 163 15.45 -14.75 -1.37
N PRO A 164 16.52 -13.95 -1.22
CA PRO A 164 17.37 -14.01 -0.03
C PRO A 164 16.67 -13.48 1.22
N VAL A 165 17.08 -13.97 2.38
CA VAL A 165 16.52 -13.56 3.65
C VAL A 165 16.92 -12.12 3.97
N CYS A 166 15.92 -11.33 4.34
CA CYS A 166 16.13 -9.92 4.66
C CYS A 166 16.51 -9.78 6.13
N GLY A 167 17.13 -8.65 6.47
CA GLY A 167 17.50 -8.35 7.84
C GLY A 167 16.32 -8.17 8.77
N CYS A 168 15.14 -7.91 8.22
CA CYS A 168 13.92 -7.80 9.03
C CYS A 168 13.41 -9.18 9.48
N GLY A 169 13.92 -10.24 8.86
CA GLY A 169 13.49 -11.59 9.18
C GLY A 169 12.61 -12.23 8.11
N ARG A 170 12.00 -11.41 7.25
CA ARG A 170 11.23 -11.94 6.13
C ARG A 170 12.15 -12.50 5.05
N THR A 171 11.62 -13.43 4.28
CA THR A 171 12.32 -13.90 3.10
C THR A 171 11.89 -13.11 1.88
N GLY A 172 12.88 -12.58 1.15
CA GLY A 172 12.67 -12.03 -0.19
C GLY A 172 12.08 -10.64 -0.29
N CYS A 173 12.35 -9.80 0.70
CA CYS A 173 11.94 -8.40 0.66
C CYS A 173 12.63 -7.66 -0.49
N VAL A 174 11.93 -6.66 -1.04
CA VAL A 174 12.52 -5.74 -1.99
C VAL A 174 13.90 -5.28 -1.56
N GLU A 175 14.02 -4.81 -0.31
CA GLU A 175 15.29 -4.32 0.22
C GLU A 175 16.46 -5.31 0.09
N ALA A 176 16.17 -6.60 0.29
CA ALA A 176 17.20 -7.63 0.31
C ALA A 176 17.77 -7.95 -1.08
N ILE A 177 17.11 -7.43 -2.11
CA ILE A 177 17.47 -7.69 -3.50
C ILE A 177 17.91 -6.39 -4.19
N ALA A 178 17.13 -5.33 -3.99
CA ALA A 178 17.26 -4.11 -4.78
C ALA A 178 18.16 -3.03 -4.20
N SER A 179 18.36 -3.06 -2.89
CA SER A 179 19.15 -2.04 -2.20
C SER A 179 20.63 -2.19 -2.51
N GLY A 180 21.41 -1.16 -2.15
CA GLY A 180 22.87 -1.21 -2.28
C GLY A 180 23.52 -2.38 -1.56
N ARG A 181 23.03 -2.68 -0.36
CA ARG A 181 23.51 -3.85 0.38
C ARG A 181 23.03 -5.14 -0.25
N GLY A 182 21.82 -5.13 -0.81
CA GLY A 182 21.30 -6.26 -1.57
C GLY A 182 22.13 -6.55 -2.82
N ILE A 183 22.49 -5.49 -3.54
CA ILE A 183 23.34 -5.62 -4.74
C ILE A 183 24.70 -6.20 -4.36
N ALA A 184 25.31 -5.68 -3.29
CA ALA A 184 26.62 -6.15 -2.85
C ALA A 184 26.59 -7.60 -2.36
N ALA A 185 25.49 -8.01 -1.75
CA ALA A 185 25.38 -9.37 -1.17
C ALA A 185 25.27 -10.49 -2.20
N ALA A 186 24.74 -10.19 -3.39
CA ALA A 186 24.55 -11.21 -4.43
C ALA A 186 25.72 -11.32 -5.39
N ALA A 187 26.74 -10.49 -5.19
CA ALA A 187 27.93 -10.47 -6.02
C ALA A 187 28.78 -11.72 -5.80
N GLN A 188 29.17 -12.35 -6.90
CA GLN A 188 29.94 -13.59 -6.85
C GLN A 188 31.26 -13.42 -7.62
N GLY A 189 32.13 -14.42 -7.54
CA GLY A 189 33.41 -14.39 -8.25
C GLY A 189 34.34 -13.32 -7.68
N GLU A 190 35.02 -12.60 -8.56
CA GLU A 190 35.91 -11.51 -8.12
C GLU A 190 35.11 -10.30 -7.66
N LEU A 191 33.84 -10.25 -8.05
CA LEU A 191 32.98 -9.12 -7.73
C LEU A 191 32.57 -9.14 -6.25
N ALA A 192 32.61 -10.33 -5.66
CA ALA A 192 32.28 -10.51 -4.23
C ALA A 192 33.17 -9.62 -3.35
N GLY A 193 32.52 -8.81 -2.51
CA GLY A 193 33.24 -7.91 -1.60
C GLY A 193 33.22 -6.46 -2.04
N ALA A 194 32.88 -6.23 -3.31
CA ALA A 194 32.76 -4.88 -3.85
C ALA A 194 31.46 -4.23 -3.36
N ASP A 195 31.52 -2.93 -3.07
CA ASP A 195 30.32 -2.21 -2.66
C ASP A 195 29.45 -1.87 -3.87
N ALA A 196 28.27 -1.30 -3.62
CA ALA A 196 27.34 -0.99 -4.71
C ALA A 196 27.91 0.06 -5.68
N LYS A 197 28.72 0.98 -5.15
CA LYS A 197 29.34 2.03 -5.97
C LYS A 197 30.27 1.40 -7.00
N THR A 198 31.16 0.53 -6.54
CA THR A 198 32.09 -0.18 -7.39
C THR A 198 31.35 -1.01 -8.44
N ILE A 199 30.31 -1.72 -8.00
CA ILE A 199 29.49 -2.53 -8.90
C ILE A 199 28.84 -1.67 -9.99
N PHE A 200 28.37 -0.48 -9.64
CA PHE A 200 27.80 0.46 -10.60
C PHE A 200 28.81 0.94 -11.63
N THR A 201 30.05 1.18 -11.21
CA THR A 201 31.09 1.64 -12.13
C THR A 201 31.44 0.54 -13.12
N ARG A 202 31.75 -0.64 -12.60
CA ARG A 202 32.10 -1.81 -13.41
C ARG A 202 31.02 -2.18 -14.42
N ALA A 203 29.77 -2.01 -14.03
CA ALA A 203 28.62 -2.19 -14.93
C ALA A 203 28.67 -1.27 -16.14
N GLY A 204 29.00 0.00 -15.91
CA GLY A 204 29.03 1.00 -16.97
C GLY A 204 30.15 0.72 -17.95
N GLN A 205 31.16 -0.01 -17.47
CA GLN A 205 32.33 -0.40 -18.25
C GLN A 205 32.12 -1.72 -19.00
N GLY A 206 30.96 -2.34 -18.80
CA GLY A 206 30.59 -3.54 -19.55
C GLY A 206 30.73 -4.85 -18.81
N ASP A 207 30.97 -4.80 -17.50
CA ASP A 207 31.01 -6.00 -16.66
C ASP A 207 29.59 -6.56 -16.59
N GLU A 208 29.39 -7.73 -17.18
CA GLU A 208 28.07 -8.34 -17.33
C GLU A 208 27.44 -8.77 -16.00
N GLN A 209 28.26 -9.26 -15.06
CA GLN A 209 27.73 -9.64 -13.75
C GLN A 209 27.22 -8.42 -12.99
N ALA A 210 28.04 -7.37 -12.98
CA ALA A 210 27.67 -6.12 -12.32
C ALA A 210 26.39 -5.55 -12.90
N GLN A 211 26.28 -5.59 -14.23
CA GLN A 211 25.07 -5.14 -14.91
C GLN A 211 23.85 -5.96 -14.50
N GLN A 212 24.00 -7.28 -14.45
CA GLN A 212 22.91 -8.15 -14.02
C GLN A 212 22.42 -7.83 -12.61
N LEU A 213 23.35 -7.59 -11.69
CA LEU A 213 23.01 -7.18 -10.32
C LEU A 213 22.20 -5.89 -10.24
N ILE A 214 22.52 -4.92 -11.09
CA ILE A 214 21.79 -3.65 -11.16
C ILE A 214 20.46 -3.77 -11.92
N HIS A 215 20.45 -4.59 -12.97
CA HIS A 215 19.21 -4.86 -13.72
C HIS A 215 18.20 -5.53 -12.80
N ARG A 216 18.68 -6.48 -11.99
N ARG A 216 18.66 -6.47 -11.99
CA ARG A 216 17.89 -7.21 -11.00
CA ARG A 216 17.84 -7.19 -11.03
C ARG A 216 17.31 -6.27 -9.95
C ARG A 216 17.29 -6.27 -9.94
N SER A 217 18.11 -5.32 -9.50
CA SER A 217 17.64 -4.26 -8.58
C SER A 217 16.58 -3.35 -9.23
N ALA A 218 16.83 -2.94 -10.46
CA ALA A 218 15.91 -2.06 -11.21
C ALA A 218 14.58 -2.75 -11.52
N ARG A 219 14.66 -4.02 -11.88
CA ARG A 219 13.48 -4.83 -12.15
C ARG A 219 12.65 -5.05 -10.88
N THR A 220 13.33 -5.37 -9.79
CA THR A 220 12.68 -5.52 -8.50
C THR A 220 11.95 -4.24 -8.08
N LEU A 221 12.61 -3.09 -8.23
CA LEU A 221 12.01 -1.80 -7.90
C LEU A 221 10.80 -1.46 -8.79
N ALA A 222 10.85 -1.85 -10.06
CA ALA A 222 9.72 -1.62 -10.98
C ALA A 222 8.47 -2.39 -10.53
N ARG A 223 8.67 -3.63 -10.10
CA ARG A 223 7.57 -4.48 -9.64
C ARG A 223 6.97 -3.96 -8.34
N LEU A 224 7.84 -3.45 -7.46
CA LEU A 224 7.41 -2.74 -6.27
C LEU A 224 6.53 -1.54 -6.62
N ILE A 225 6.98 -0.73 -7.57
CA ILE A 225 6.24 0.45 -8.02
C ILE A 225 4.88 0.07 -8.62
N ALA A 226 4.84 -1.01 -9.39
CA ALA A 226 3.59 -1.57 -9.86
C ALA A 226 2.66 -1.98 -8.70
N ASP A 227 3.22 -2.62 -7.67
CA ASP A 227 2.46 -2.98 -6.46
C ASP A 227 1.89 -1.75 -5.76
N ILE A 228 2.75 -0.76 -5.54
CA ILE A 228 2.36 0.48 -4.86
C ILE A 228 1.30 1.26 -5.65
N LYS A 229 1.40 1.25 -6.97
CA LYS A 229 0.37 1.84 -7.83
C LYS A 229 -0.98 1.13 -7.65
N ALA A 230 -0.95 -0.20 -7.58
CA ALA A 230 -2.17 -0.97 -7.36
C ALA A 230 -2.80 -0.68 -6.00
N THR A 231 -1.95 -0.45 -5.00
CA THR A 231 -2.39 -0.27 -3.61
C THR A 231 -2.84 1.16 -3.31
N THR A 232 -2.06 2.14 -3.75
CA THR A 232 -2.25 3.55 -3.35
C THR A 232 -2.89 4.41 -4.43
N ASP A 233 -2.74 4.01 -5.68
CA ASP A 233 -3.15 4.82 -6.83
C ASP A 233 -2.40 6.16 -6.92
N CYS A 234 -1.13 6.15 -6.48
CA CYS A 234 -0.30 7.37 -6.51
C CYS A 234 -0.20 7.91 -7.93
N GLN A 235 -0.14 9.24 -8.05
CA GLN A 235 -0.08 9.90 -9.35
C GLN A 235 1.34 9.94 -9.89
N CYS A 236 2.31 9.91 -8.98
CA CYS A 236 3.72 9.84 -9.35
C CYS A 236 4.57 9.23 -8.24
N VAL A 237 5.71 8.67 -8.63
CA VAL A 237 6.67 8.11 -7.68
C VAL A 237 8.00 8.85 -7.79
N VAL A 238 8.44 9.44 -6.67
CA VAL A 238 9.72 10.14 -6.61
C VAL A 238 10.77 9.19 -6.04
N VAL A 239 11.89 9.03 -6.77
CA VAL A 239 12.92 8.06 -6.39
C VAL A 239 14.24 8.76 -6.03
N GLY A 240 14.71 8.53 -4.81
CA GLY A 240 15.95 9.15 -4.35
C GLY A 240 16.96 8.13 -3.87
N GLY A 241 17.96 8.61 -3.12
CA GLY A 241 19.01 7.75 -2.60
C GLY A 241 20.16 7.55 -3.56
N SER A 242 21.31 7.16 -3.01
CA SER A 242 22.54 7.02 -3.79
C SER A 242 22.41 6.03 -4.94
N VAL A 243 21.69 4.93 -4.70
CA VAL A 243 21.41 3.97 -5.76
C VAL A 243 20.31 4.48 -6.69
N GLY A 244 19.23 5.01 -6.13
CA GLY A 244 18.08 5.46 -6.93
C GLY A 244 18.39 6.61 -7.87
N LEU A 245 19.33 7.46 -7.47
CA LEU A 245 19.78 8.60 -8.26
C LEU A 245 20.99 8.30 -9.15
N ALA A 246 21.50 7.06 -9.10
CA ALA A 246 22.66 6.68 -9.90
C ALA A 246 22.35 6.80 -11.39
N GLU A 247 23.37 7.17 -12.17
CA GLU A 247 23.19 7.43 -13.59
C GLU A 247 22.62 6.23 -14.34
N GLY A 248 21.49 6.45 -15.02
CA GLY A 248 20.83 5.41 -15.82
C GLY A 248 19.85 4.53 -15.06
N TYR A 249 19.89 4.58 -13.74
CA TYR A 249 19.10 3.66 -12.91
C TYR A 249 17.58 3.87 -13.05
N LEU A 250 17.15 5.12 -12.91
CA LEU A 250 15.73 5.43 -13.00
C LEU A 250 15.15 5.10 -14.38
N ALA A 251 15.90 5.39 -15.43
CA ALA A 251 15.49 5.10 -16.81
C ALA A 251 15.31 3.60 -17.01
N LEU A 252 16.17 2.82 -16.37
CA LEU A 252 16.08 1.36 -16.39
C LEU A 252 14.83 0.86 -15.65
N VAL A 253 14.56 1.43 -14.47
CA VAL A 253 13.35 1.11 -13.71
C VAL A 253 12.11 1.43 -14.54
N GLU A 254 12.12 2.62 -15.15
CA GLU A 254 11.07 3.10 -16.05
C GLU A 254 10.82 2.15 -17.23
N THR A 255 11.90 1.64 -17.82
CA THR A 255 11.81 0.65 -18.91
C THR A 255 11.10 -0.64 -18.49
N TYR A 256 11.49 -1.15 -17.31
CA TYR A 256 10.89 -2.36 -16.74
C TYR A 256 9.43 -2.17 -16.33
N LEU A 257 9.12 -1.01 -15.74
CA LEU A 257 7.74 -0.70 -15.38
C LEU A 257 6.84 -0.66 -16.61
N ALA A 258 7.38 -0.12 -17.71
CA ALA A 258 6.65 0.00 -18.99
C ALA A 258 6.24 -1.33 -19.61
N GLN A 259 6.90 -2.40 -19.20
CA GLN A 259 6.56 -3.76 -19.64
C GLN A 259 5.33 -4.30 -18.90
N GLU A 260 4.99 -3.71 -17.76
CA GLU A 260 3.77 -4.11 -17.03
C GLU A 260 2.54 -3.55 -17.75
N PRO A 261 1.34 -4.10 -17.47
CA PRO A 261 0.13 -3.53 -18.06
C PRO A 261 -0.08 -2.07 -17.70
N ALA A 262 -0.77 -1.34 -18.57
CA ALA A 262 -0.91 0.12 -18.52
C ALA A 262 -1.42 0.68 -17.19
N ALA A 263 -2.33 -0.04 -16.54
CA ALA A 263 -2.92 0.41 -15.28
C ALA A 263 -1.89 0.56 -14.15
N PHE A 264 -0.77 -0.17 -14.29
CA PHE A 264 0.29 -0.17 -13.29
C PHE A 264 1.36 0.90 -13.54
N HIS A 265 1.27 1.59 -14.68
CA HIS A 265 2.20 2.66 -15.02
C HIS A 265 1.93 3.91 -14.21
N VAL A 266 3.01 4.57 -13.82
CA VAL A 266 2.92 5.79 -13.05
C VAL A 266 4.18 6.61 -13.38
N ASP A 267 4.06 7.94 -13.38
CA ASP A 267 5.19 8.81 -13.71
C ASP A 267 6.28 8.71 -12.65
N LEU A 268 7.51 8.50 -13.10
CA LEU A 268 8.65 8.44 -12.18
C LEU A 268 9.48 9.71 -12.30
N LEU A 269 9.87 10.27 -11.15
CA LEU A 269 10.64 11.51 -11.09
C LEU A 269 11.84 11.31 -10.18
N ALA A 270 12.97 11.90 -10.55
CA ALA A 270 14.15 11.92 -9.69
C ALA A 270 13.88 12.81 -8.47
N ALA A 271 14.49 12.46 -7.34
CA ALA A 271 14.35 13.27 -6.13
C ALA A 271 14.88 14.66 -6.36
N HIS A 272 14.14 15.65 -5.90
CA HIS A 272 14.54 17.05 -5.97
C HIS A 272 15.69 17.34 -5.02
N TYR A 273 15.71 16.67 -3.87
CA TYR A 273 16.78 16.87 -2.89
C TYR A 273 17.71 15.68 -2.85
N ARG A 274 19.00 15.94 -3.07
CA ARG A 274 20.02 14.90 -3.04
C ARG A 274 20.51 14.67 -1.61
N HIS A 275 20.56 15.76 -0.84
CA HIS A 275 20.92 15.68 0.57
C HIS A 275 19.92 16.46 1.43
N ASP A 276 19.88 16.10 2.72
CA ASP A 276 19.14 16.85 3.75
C ASP A 276 17.61 16.95 3.57
N ALA A 277 17.02 16.01 2.85
CA ALA A 277 15.56 16.03 2.63
C ALA A 277 14.80 15.65 3.89
N GLY A 278 15.43 14.86 4.75
CA GLY A 278 14.85 14.48 6.02
C GLY A 278 14.70 15.69 6.94
N LEU A 279 15.78 16.49 7.05
CA LEU A 279 15.76 17.71 7.86
C LEU A 279 14.69 18.68 7.38
N LEU A 280 14.66 18.90 6.06
CA LEU A 280 13.70 19.78 5.41
C LEU A 280 12.27 19.29 5.62
N GLY A 281 12.05 17.99 5.40
CA GLY A 281 10.73 17.40 5.57
C GLY A 281 10.22 17.50 7.00
N ALA A 282 11.11 17.23 7.96
CA ALA A 282 10.78 17.31 9.38
C ALA A 282 10.36 18.71 9.79
N ALA A 283 11.12 19.71 9.36
CA ALA A 283 10.81 21.11 9.64
C ALA A 283 9.50 21.53 8.98
N LEU A 284 9.25 21.02 7.76
CA LEU A 284 8.01 21.31 7.05
C LEU A 284 6.80 20.70 7.76
N LEU A 285 6.99 19.52 8.33
CA LEU A 285 5.92 18.86 9.08
C LEU A 285 5.69 19.53 10.43
N ALA A 286 6.74 20.10 10.99
CA ALA A 286 6.66 20.84 12.24
C ALA A 286 5.90 22.16 12.07
N GLN A 287 5.94 22.71 10.85
CA GLN A 287 5.25 23.96 10.52
C GLN A 287 3.73 23.83 10.62
N GLY A 288 3.21 22.66 10.24
CA GLY A 288 1.79 22.36 10.38
C GLY A 288 1.49 21.69 11.70
N GLU A 289 1.83 22.37 12.79
CA GLU A 289 1.65 21.83 14.13
C GLU A 289 1.15 22.92 15.08
N MET B 1 -34.05 10.38 4.57
CA MET B 1 -33.39 10.17 3.25
C MET B 1 -33.14 8.70 2.96
N THR B 2 -33.51 8.28 1.76
CA THR B 2 -33.31 6.92 1.30
C THR B 2 -32.34 6.90 0.12
N THR B 3 -31.40 5.96 0.14
CA THR B 3 -30.48 5.77 -0.97
C THR B 3 -30.96 4.62 -1.85
N LEU B 4 -30.96 4.85 -3.15
CA LEU B 4 -31.08 3.78 -4.12
C LEU B 4 -29.69 3.17 -4.31
N ALA B 5 -29.50 1.97 -3.77
CA ALA B 5 -28.19 1.33 -3.80
C ALA B 5 -28.14 0.32 -4.93
N ILE B 6 -27.10 0.37 -5.75
CA ILE B 6 -26.95 -0.54 -6.87
C ILE B 6 -25.62 -1.31 -6.78
N ASP B 7 -25.68 -2.60 -7.05
CA ASP B 7 -24.46 -3.39 -7.19
C ASP B 7 -24.35 -3.96 -8.62
N ILE B 8 -23.38 -3.44 -9.37
CA ILE B 8 -23.13 -3.89 -10.73
C ILE B 8 -22.01 -4.92 -10.76
N GLY B 9 -22.40 -6.17 -11.02
CA GLY B 9 -21.43 -7.26 -11.12
C GLY B 9 -21.33 -7.78 -12.53
N GLY B 10 -20.55 -8.85 -12.70
CA GLY B 10 -20.35 -9.47 -14.00
C GLY B 10 -21.55 -10.27 -14.45
N THR B 11 -22.23 -10.93 -13.50
CA THR B 11 -23.37 -11.79 -13.80
C THR B 11 -24.72 -11.17 -13.47
N LYS B 12 -24.81 -10.47 -12.33
CA LYS B 12 -26.08 -9.89 -11.89
C LYS B 12 -26.00 -8.39 -11.59
N LEU B 13 -27.08 -7.69 -11.92
CA LEU B 13 -27.26 -6.29 -11.55
C LEU B 13 -28.32 -6.22 -10.45
N ALA B 14 -27.90 -5.81 -9.25
CA ALA B 14 -28.81 -5.76 -8.10
C ALA B 14 -29.05 -4.33 -7.65
N ALA B 15 -30.21 -4.08 -7.07
CA ALA B 15 -30.56 -2.78 -6.51
C ALA B 15 -31.50 -2.94 -5.31
N ALA B 16 -31.42 -1.99 -4.39
CA ALA B 16 -32.25 -2.01 -3.19
C ALA B 16 -32.49 -0.59 -2.70
N LEU B 17 -33.39 -0.46 -1.74
CA LEU B 17 -33.61 0.80 -1.06
C LEU B 17 -33.10 0.69 0.37
N ILE B 18 -32.17 1.58 0.71
CA ILE B 18 -31.53 1.56 2.02
C ILE B 18 -31.69 2.93 2.66
N GLY B 19 -32.35 2.96 3.82
CA GLY B 19 -32.55 4.20 4.56
C GLY B 19 -31.46 4.42 5.59
N ALA B 20 -31.72 5.34 6.52
CA ALA B 20 -30.76 5.71 7.56
C ALA B 20 -30.44 4.57 8.52
N ASP B 21 -31.41 3.68 8.72
CA ASP B 21 -31.25 2.53 9.61
C ASP B 21 -30.37 1.43 9.02
N GLY B 22 -30.01 1.57 7.75
CA GLY B 22 -29.11 0.63 7.08
C GLY B 22 -29.72 -0.70 6.70
N GLN B 23 -31.06 -0.80 6.75
CA GLN B 23 -31.73 -2.04 6.38
C GLN B 23 -31.93 -2.11 4.88
N ILE B 24 -31.79 -3.31 4.33
CA ILE B 24 -31.95 -3.55 2.89
C ILE B 24 -33.40 -3.87 2.57
N ARG B 25 -34.05 -2.97 1.84
CA ARG B 25 -35.47 -3.11 1.53
C ARG B 25 -35.73 -3.17 0.03
N ASP B 26 -36.76 -3.93 -0.34
CA ASP B 26 -37.24 -4.04 -1.73
C ASP B 26 -36.14 -4.44 -2.70
N ARG B 27 -35.43 -5.52 -2.34
CA ARG B 27 -34.26 -5.98 -3.07
C ARG B 27 -34.62 -6.56 -4.44
N ARG B 28 -34.16 -5.90 -5.49
CA ARG B 28 -34.44 -6.30 -6.87
C ARG B 28 -33.19 -6.83 -7.57
N GLU B 29 -33.41 -7.62 -8.62
CA GLU B 29 -32.30 -8.26 -9.33
C GLU B 29 -32.60 -8.45 -10.82
N LEU B 30 -31.58 -8.22 -11.63
CA LEU B 30 -31.63 -8.45 -13.08
C LEU B 30 -30.31 -9.05 -13.53
N PRO B 31 -30.34 -9.89 -14.60
CA PRO B 31 -29.07 -10.38 -15.13
C PRO B 31 -28.30 -9.28 -15.85
N THR B 32 -26.97 -9.38 -15.84
CA THR B 32 -26.13 -8.48 -16.61
C THR B 32 -26.24 -8.89 -18.08
N PRO B 33 -26.59 -7.92 -18.95
CA PRO B 33 -26.72 -8.15 -20.40
C PRO B 33 -25.50 -8.83 -21.01
N ALA B 34 -25.74 -9.80 -21.89
CA ALA B 34 -24.68 -10.52 -22.58
C ALA B 34 -23.99 -9.59 -23.57
N SER B 35 -24.78 -8.76 -24.26
CA SER B 35 -24.22 -7.74 -25.14
C SER B 35 -23.69 -6.57 -24.32
N GLN B 36 -22.38 -6.37 -24.37
CA GLN B 36 -21.73 -5.32 -23.63
C GLN B 36 -21.75 -4.00 -24.40
N THR B 37 -22.94 -3.48 -24.65
CA THR B 37 -23.12 -2.20 -25.35
C THR B 37 -23.68 -1.18 -24.36
N PRO B 38 -23.35 0.12 -24.55
CA PRO B 38 -23.86 1.17 -23.67
C PRO B 38 -25.38 1.30 -23.66
N GLU B 39 -26.00 0.97 -24.80
CA GLU B 39 -27.46 1.00 -24.92
C GLU B 39 -28.10 -0.09 -24.08
N ALA B 40 -27.52 -1.29 -24.12
CA ALA B 40 -28.06 -2.45 -23.39
C ALA B 40 -27.97 -2.29 -21.88
N LEU B 41 -26.86 -1.71 -21.40
CA LEU B 41 -26.68 -1.48 -19.97
C LEU B 41 -27.58 -0.36 -19.48
N ARG B 42 -27.71 0.71 -20.27
CA ARG B 42 -28.63 1.79 -19.93
C ARG B 42 -30.08 1.31 -19.88
N ASP B 43 -30.43 0.37 -20.75
CA ASP B 43 -31.73 -0.28 -20.73
C ASP B 43 -31.92 -1.10 -19.44
N ALA B 44 -30.91 -1.89 -19.09
CA ALA B 44 -30.99 -2.80 -17.94
C ALA B 44 -30.95 -2.07 -16.59
N LEU B 45 -30.26 -0.93 -16.56
CA LEU B 45 -30.18 -0.12 -15.35
C LEU B 45 -31.49 0.65 -15.13
N SER B 46 -32.06 1.17 -16.22
CA SER B 46 -33.36 1.84 -16.20
C SER B 46 -34.46 0.88 -15.74
N ALA B 47 -34.42 -0.35 -16.24
CA ALA B 47 -35.40 -1.36 -15.89
C ALA B 47 -35.25 -1.80 -14.43
N LEU B 48 -34.02 -1.86 -13.96
CA LEU B 48 -33.70 -2.29 -12.60
C LEU B 48 -34.18 -1.30 -11.55
N VAL B 49 -33.98 0.00 -11.80
CA VAL B 49 -34.22 1.03 -10.81
C VAL B 49 -35.56 1.75 -10.91
N SER B 50 -36.31 1.50 -11.99
CA SER B 50 -37.58 2.17 -12.22
C SER B 50 -38.43 2.18 -10.95
N PRO B 51 -38.81 0.99 -10.49
CA PRO B 51 -39.83 0.85 -9.46
C PRO B 51 -39.34 1.33 -8.10
N LEU B 52 -38.06 1.71 -8.02
CA LEU B 52 -37.46 2.15 -6.77
C LEU B 52 -37.12 3.64 -6.73
N GLN B 53 -36.89 4.24 -7.89
CA GLN B 53 -36.28 5.56 -7.98
C GLN B 53 -37.11 6.74 -7.43
N ALA B 54 -38.42 6.57 -7.35
CA ALA B 54 -39.30 7.59 -6.79
C ALA B 54 -39.21 7.62 -5.26
N HIS B 55 -38.78 6.50 -4.68
CA HIS B 55 -38.68 6.36 -3.24
C HIS B 55 -37.30 6.70 -2.68
N ALA B 56 -36.41 7.19 -3.54
CA ALA B 56 -35.04 7.52 -3.13
C ALA B 56 -34.67 8.97 -3.45
N GLN B 57 -33.65 9.49 -2.78
CA GLN B 57 -33.23 10.88 -2.95
C GLN B 57 -31.78 11.02 -3.43
N ARG B 58 -31.10 9.88 -3.52
CA ARG B 58 -29.73 9.80 -4.03
C ARG B 58 -29.43 8.37 -4.45
N VAL B 59 -28.50 8.21 -5.38
CA VAL B 59 -28.13 6.90 -5.91
C VAL B 59 -26.68 6.57 -5.56
N ALA B 60 -26.42 5.31 -5.22
CA ALA B 60 -25.05 4.88 -4.93
C ALA B 60 -24.73 3.51 -5.54
N ILE B 61 -23.73 3.48 -6.40
CA ILE B 61 -23.39 2.27 -7.15
C ILE B 61 -22.10 1.63 -6.65
N ALA B 62 -22.17 0.35 -6.31
CA ALA B 62 -20.98 -0.46 -6.14
C ALA B 62 -20.75 -1.23 -7.42
N SER B 63 -19.58 -1.07 -8.02
CA SER B 63 -19.30 -1.73 -9.28
C SER B 63 -18.06 -2.59 -9.21
N THR B 64 -18.11 -3.75 -9.84
CA THR B 64 -16.90 -4.49 -10.15
C THR B 64 -16.10 -3.67 -11.18
N GLY B 65 -14.79 -3.86 -11.21
CA GLY B 65 -13.96 -3.04 -12.08
C GLY B 65 -13.46 -1.80 -11.36
N ILE B 66 -13.18 -0.76 -12.13
CA ILE B 66 -12.60 0.47 -11.61
C ILE B 66 -13.50 1.65 -11.99
N ILE B 67 -13.76 2.52 -11.02
CA ILE B 67 -14.50 3.74 -11.31
C ILE B 67 -13.56 4.93 -11.37
N ARG B 68 -13.45 5.53 -12.54
CA ARG B 68 -12.62 6.72 -12.73
C ARG B 68 -13.46 7.78 -13.38
N ASP B 69 -13.51 8.95 -12.74
CA ASP B 69 -14.34 10.08 -13.18
C ASP B 69 -15.76 9.64 -13.45
N GLY B 70 -16.32 8.91 -12.50
CA GLY B 70 -17.68 8.36 -12.60
C GLY B 70 -17.92 7.36 -13.72
N SER B 71 -16.85 6.87 -14.32
CA SER B 71 -16.95 6.00 -15.50
C SER B 71 -16.28 4.64 -15.29
N LEU B 72 -16.74 3.65 -16.05
CA LEU B 72 -16.34 2.26 -15.86
C LEU B 72 -15.03 1.91 -16.56
N LEU B 73 -14.06 1.44 -15.77
CA LEU B 73 -12.77 0.97 -16.27
C LEU B 73 -12.50 -0.43 -15.72
N ALA B 74 -11.50 -1.11 -16.29
CA ALA B 74 -11.12 -2.43 -15.82
C ALA B 74 -9.61 -2.62 -15.94
N LEU B 75 -9.07 -3.59 -15.18
CA LEU B 75 -7.66 -3.93 -15.28
C LEU B 75 -7.34 -4.63 -16.61
N ASN B 76 -8.31 -5.40 -17.10
CA ASN B 76 -8.30 -5.87 -18.48
C ASN B 76 -9.43 -5.16 -19.24
N PRO B 77 -9.12 -4.01 -19.88
CA PRO B 77 -10.11 -3.18 -20.59
C PRO B 77 -10.86 -3.90 -21.69
N HIS B 78 -10.25 -4.96 -22.21
CA HIS B 78 -10.84 -5.77 -23.28
C HIS B 78 -12.05 -6.59 -22.81
N ASN B 79 -12.15 -6.81 -21.50
CA ASN B 79 -13.26 -7.54 -20.90
C ASN B 79 -14.59 -6.77 -20.83
N LEU B 80 -14.54 -5.46 -21.08
CA LEU B 80 -15.73 -4.61 -21.00
C LEU B 80 -16.47 -4.46 -22.33
N GLY B 81 -15.83 -4.86 -23.42
CA GLY B 81 -16.43 -4.73 -24.76
C GLY B 81 -16.62 -3.28 -25.16
N GLY B 82 -17.89 -2.88 -25.32
CA GLY B 82 -18.23 -1.50 -25.65
C GLY B 82 -18.57 -0.65 -24.42
N LEU B 83 -18.33 -1.21 -23.24
CA LEU B 83 -18.62 -0.52 -21.98
C LEU B 83 -17.40 0.20 -21.39
N LEU B 84 -16.28 0.21 -22.12
CA LEU B 84 -15.10 0.92 -21.65
C LEU B 84 -15.37 2.42 -21.60
N HIS B 85 -15.13 3.02 -20.43
CA HIS B 85 -15.47 4.43 -20.14
C HIS B 85 -16.97 4.75 -20.20
N PHE B 86 -17.82 3.74 -19.98
CA PHE B 86 -19.26 3.96 -19.85
C PHE B 86 -19.53 4.98 -18.73
N PRO B 87 -20.22 6.09 -19.04
CA PRO B 87 -20.47 7.18 -18.10
C PRO B 87 -21.52 6.81 -17.05
N LEU B 88 -21.11 5.98 -16.10
CA LEU B 88 -22.01 5.32 -15.15
C LEU B 88 -22.78 6.29 -14.24
N VAL B 89 -22.08 7.28 -13.69
CA VAL B 89 -22.69 8.29 -12.82
C VAL B 89 -23.64 9.22 -13.59
N LYS B 90 -23.20 9.66 -14.77
CA LYS B 90 -24.00 10.52 -15.64
C LYS B 90 -25.28 9.81 -16.12
N THR B 91 -25.17 8.53 -16.45
CA THR B 91 -26.31 7.71 -16.88
C THR B 91 -27.43 7.68 -15.84
N LEU B 92 -27.08 7.33 -14.62
CA LEU B 92 -28.04 7.29 -13.52
C LEU B 92 -28.62 8.68 -13.24
N GLU B 93 -27.75 9.69 -13.26
CA GLU B 93 -28.18 11.06 -13.04
C GLU B 93 -29.19 11.51 -14.10
N GLN B 94 -29.07 10.96 -15.30
CA GLN B 94 -30.03 11.24 -16.36
C GLN B 94 -31.32 10.43 -16.20
N LEU B 95 -31.17 9.18 -15.78
CA LEU B 95 -32.31 8.27 -15.63
C LEU B 95 -33.19 8.56 -14.41
N THR B 96 -32.59 9.10 -13.35
CA THR B 96 -33.28 9.21 -12.07
C THR B 96 -33.42 10.66 -11.58
N ASN B 97 -32.60 11.54 -12.14
CA ASN B 97 -32.49 12.93 -11.69
C ASN B 97 -32.02 13.05 -10.24
N LEU B 98 -31.28 12.03 -9.78
CA LEU B 98 -30.81 11.97 -8.40
C LEU B 98 -29.29 12.03 -8.35
N PRO B 99 -28.73 12.78 -7.38
CA PRO B 99 -27.29 12.81 -7.15
C PRO B 99 -26.73 11.38 -7.03
N THR B 100 -25.66 11.11 -7.77
CA THR B 100 -25.16 9.74 -7.88
C THR B 100 -23.67 9.64 -7.61
N ILE B 101 -23.28 8.64 -6.84
CA ILE B 101 -21.88 8.28 -6.69
C ILE B 101 -21.64 6.84 -7.16
N ALA B 102 -20.40 6.55 -7.50
CA ALA B 102 -20.02 5.20 -7.89
C ALA B 102 -18.64 4.89 -7.32
N ILE B 103 -18.52 3.69 -6.77
CA ILE B 103 -17.26 3.22 -6.21
C ILE B 103 -17.08 1.75 -6.57
N ASN B 104 -15.83 1.30 -6.54
CA ASN B 104 -15.50 -0.11 -6.67
C ASN B 104 -16.20 -0.92 -5.58
N ASP B 105 -16.70 -2.11 -5.92
CA ASP B 105 -17.43 -2.97 -4.98
C ASP B 105 -16.64 -3.46 -3.75
N ALA B 106 -15.33 -3.66 -3.89
CA ALA B 106 -14.50 -4.05 -2.74
C ALA B 106 -14.20 -2.83 -1.85
N GLN B 107 -14.17 -1.64 -2.44
CA GLN B 107 -14.02 -0.41 -1.68
C GLN B 107 -15.31 -0.13 -0.89
N ALA B 108 -16.46 -0.33 -1.55
CA ALA B 108 -17.76 -0.20 -0.91
C ALA B 108 -17.89 -1.17 0.26
N ALA B 109 -17.55 -2.44 0.02
CA ALA B 109 -17.63 -3.47 1.06
C ALA B 109 -16.71 -3.16 2.23
N ALA B 110 -15.55 -2.58 1.94
CA ALA B 110 -14.58 -2.17 2.96
C ALA B 110 -15.15 -1.15 3.94
N TRP B 111 -15.85 -0.16 3.38
CA TRP B 111 -16.46 0.88 4.21
C TRP B 111 -17.52 0.31 5.14
N ALA B 112 -18.36 -0.59 4.61
CA ALA B 112 -19.36 -1.29 5.39
C ALA B 112 -18.76 -2.10 6.54
N GLU B 113 -17.66 -2.80 6.27
CA GLU B 113 -16.99 -3.60 7.29
C GLU B 113 -16.34 -2.72 8.35
N PHE B 114 -15.80 -1.59 7.92
CA PHE B 114 -15.16 -0.63 8.83
C PHE B 114 -16.19 -0.03 9.80
N GLN B 115 -17.37 0.32 9.26
CA GLN B 115 -18.42 0.92 10.08
C GLN B 115 -19.03 -0.10 11.04
N ALA B 116 -18.89 -1.38 10.70
CA ALA B 116 -19.32 -2.48 11.57
C ALA B 116 -18.33 -2.77 12.71
N LEU B 117 -17.12 -2.22 12.61
CA LEU B 117 -16.11 -2.40 13.67
C LEU B 117 -16.34 -1.45 14.84
N ASP B 118 -15.61 -1.69 15.92
CA ASP B 118 -15.64 -0.81 17.09
C ASP B 118 -15.01 0.55 16.76
N GLY B 119 -15.41 1.58 17.52
CA GLY B 119 -15.07 2.96 17.21
C GLY B 119 -13.60 3.36 17.32
N ASP B 120 -12.79 2.53 17.99
CA ASP B 120 -11.37 2.85 18.20
C ASP B 120 -10.50 2.64 16.96
N ILE B 121 -10.86 1.67 16.12
CA ILE B 121 -10.12 1.40 14.89
C ILE B 121 -10.25 2.57 13.90
N THR B 122 -9.10 3.12 13.51
CA THR B 122 -9.04 4.20 12.54
C THR B 122 -8.55 3.70 11.17
N ASP B 123 -7.76 2.64 11.20
CA ASP B 123 -7.08 2.14 10.00
C ASP B 123 -7.34 0.67 9.81
N MET B 124 -7.98 0.34 8.70
CA MET B 124 -8.39 -1.01 8.41
C MET B 124 -8.18 -1.27 6.93
N VAL B 125 -7.78 -2.49 6.59
CA VAL B 125 -7.79 -2.96 5.21
C VAL B 125 -8.78 -4.14 5.11
N PHE B 126 -9.59 -4.14 4.06
CA PHE B 126 -10.52 -5.25 3.80
C PHE B 126 -10.02 -6.02 2.60
N ILE B 127 -10.04 -7.35 2.71
CA ILE B 127 -9.70 -8.23 1.57
C ILE B 127 -10.84 -9.20 1.32
N THR B 128 -11.33 -9.24 0.08
CA THR B 128 -12.28 -10.28 -0.31
C THR B 128 -11.64 -11.29 -1.27
N VAL B 129 -11.74 -12.56 -0.91
CA VAL B 129 -11.22 -13.63 -1.73
C VAL B 129 -12.41 -14.47 -2.16
N SER B 130 -12.72 -14.42 -3.45
CA SER B 130 -13.82 -15.17 -4.01
C SER B 130 -13.31 -15.74 -5.34
N THR B 131 -14.04 -15.48 -6.41
CA THR B 131 -13.57 -15.83 -7.75
C THR B 131 -12.29 -15.05 -8.05
N GLY B 132 -12.24 -13.80 -7.60
CA GLY B 132 -11.05 -12.97 -7.69
C GLY B 132 -10.57 -12.53 -6.32
N VAL B 133 -9.60 -11.63 -6.27
CA VAL B 133 -9.18 -10.99 -5.02
C VAL B 133 -9.33 -9.47 -5.12
N GLY B 134 -10.16 -8.91 -4.25
CA GLY B 134 -10.33 -7.46 -4.17
C GLY B 134 -9.98 -6.91 -2.80
N GLY B 135 -9.73 -5.61 -2.73
CA GLY B 135 -9.44 -4.98 -1.45
C GLY B 135 -9.97 -3.56 -1.30
N GLY B 136 -9.86 -3.04 -0.07
CA GLY B 136 -10.22 -1.66 0.24
C GLY B 136 -9.42 -1.14 1.42
N VAL B 137 -8.98 0.10 1.33
CA VAL B 137 -8.13 0.71 2.35
C VAL B 137 -8.85 1.87 3.05
N VAL B 138 -9.00 1.77 4.36
CA VAL B 138 -9.45 2.86 5.20
C VAL B 138 -8.27 3.38 6.02
N SER B 139 -7.96 4.67 5.91
CA SER B 139 -6.88 5.30 6.68
C SER B 139 -7.40 6.55 7.38
N GLY B 140 -7.21 6.62 8.70
CA GLY B 140 -7.69 7.76 9.49
C GLY B 140 -9.18 7.97 9.29
N CYS B 141 -9.92 6.85 9.33
CA CYS B 141 -11.37 6.83 9.15
C CYS B 141 -11.87 7.32 7.80
N LYS B 142 -11.01 7.30 6.80
CA LYS B 142 -11.37 7.71 5.45
C LYS B 142 -11.07 6.61 4.45
N LEU B 143 -12.07 6.25 3.65
CA LEU B 143 -11.89 5.29 2.57
C LEU B 143 -11.00 5.90 1.48
N LEU B 144 -9.97 5.16 1.10
CA LEU B 144 -9.07 5.57 0.02
CA LEU B 144 -9.09 5.60 0.03
C LEU B 144 -9.56 4.98 -1.29
N THR B 145 -9.98 5.84 -2.21
CA THR B 145 -10.46 5.38 -3.51
C THR B 145 -9.36 5.61 -4.54
N GLY B 146 -8.54 6.64 -4.32
CA GLY B 146 -7.51 7.04 -5.29
C GLY B 146 -8.09 7.98 -6.33
N PRO B 147 -7.25 8.88 -6.89
CA PRO B 147 -7.67 9.82 -7.93
C PRO B 147 -8.23 9.13 -9.18
N GLY B 148 -7.72 7.94 -9.49
CA GLY B 148 -8.21 7.17 -10.65
C GLY B 148 -9.10 6.00 -10.25
N GLY B 149 -9.44 5.90 -8.96
CA GLY B 149 -10.31 4.83 -8.47
C GLY B 149 -9.64 3.48 -8.24
N LEU B 150 -8.31 3.45 -8.28
CA LEU B 150 -7.58 2.18 -8.26
C LEU B 150 -7.19 1.67 -6.86
N ALA B 151 -7.19 2.55 -5.85
CA ALA B 151 -6.62 2.21 -4.56
C ALA B 151 -7.23 0.94 -3.97
N GLY B 152 -6.38 0.13 -3.36
CA GLY B 152 -6.82 -1.10 -2.73
C GLY B 152 -6.89 -2.29 -3.66
N HIS B 153 -6.29 -2.20 -4.85
CA HIS B 153 -6.31 -3.32 -5.78
C HIS B 153 -5.20 -4.31 -5.44
N ILE B 154 -5.24 -4.79 -4.20
CA ILE B 154 -4.17 -5.58 -3.59
C ILE B 154 -4.11 -7.03 -4.05
N GLY B 155 -5.14 -7.46 -4.81
CA GLY B 155 -5.11 -8.75 -5.47
C GLY B 155 -4.15 -8.75 -6.63
N HIS B 156 -3.78 -7.56 -7.06
CA HIS B 156 -2.87 -7.39 -8.18
C HIS B 156 -1.56 -6.77 -7.76
N THR B 157 -1.14 -7.14 -6.56
CA THR B 157 0.23 -6.95 -6.13
C THR B 157 0.95 -8.29 -6.26
N LEU B 158 2.28 -8.23 -6.32
CA LEU B 158 3.09 -9.39 -6.64
C LEU B 158 3.11 -10.43 -5.50
N ALA B 159 2.85 -11.69 -5.85
CA ALA B 159 3.01 -12.82 -4.92
C ALA B 159 4.27 -13.64 -5.24
N ASP B 160 4.58 -13.74 -6.53
CA ASP B 160 5.67 -14.60 -7.03
C ASP B 160 6.01 -14.22 -8.46
N PRO B 161 7.23 -13.70 -8.70
CA PRO B 161 7.68 -13.35 -10.06
C PRO B 161 7.79 -14.54 -11.02
N HIS B 162 7.77 -15.76 -10.49
CA HIS B 162 7.73 -16.97 -11.31
C HIS B 162 6.38 -17.68 -11.21
N GLY B 163 5.35 -16.95 -10.79
CA GLY B 163 4.00 -17.54 -10.65
C GLY B 163 3.20 -17.44 -11.94
N PRO B 164 1.93 -17.89 -11.90
CA PRO B 164 1.08 -17.88 -13.10
C PRO B 164 0.77 -16.47 -13.55
N VAL B 165 0.49 -16.32 -14.85
CA VAL B 165 0.05 -15.05 -15.41
C VAL B 165 -1.38 -14.76 -14.93
N CYS B 166 -1.59 -13.53 -14.50
CA CYS B 166 -2.88 -13.07 -14.01
C CYS B 166 -3.72 -12.49 -15.16
N GLY B 167 -5.03 -12.44 -14.96
CA GLY B 167 -5.96 -11.86 -15.93
C GLY B 167 -5.71 -10.40 -16.26
N CYS B 168 -5.07 -9.68 -15.33
CA CYS B 168 -4.72 -8.27 -15.53
C CYS B 168 -3.54 -8.09 -16.48
N GLY B 169 -2.77 -9.16 -16.69
CA GLY B 169 -1.58 -9.11 -17.55
C GLY B 169 -0.24 -9.26 -16.85
N ARG B 170 -0.22 -9.00 -15.54
CA ARG B 170 0.98 -9.20 -14.74
C ARG B 170 1.26 -10.68 -14.53
N THR B 171 2.54 -11.01 -14.35
CA THR B 171 2.92 -12.33 -13.85
C THR B 171 2.89 -12.37 -12.32
N GLY B 172 2.06 -13.26 -11.78
CA GLY B 172 2.28 -13.76 -10.44
C GLY B 172 1.60 -12.90 -9.39
N CYS B 173 0.51 -12.23 -9.78
CA CYS B 173 -0.31 -11.50 -8.83
C CYS B 173 -0.81 -12.42 -7.71
N VAL B 174 -1.14 -11.83 -6.57
CA VAL B 174 -1.84 -12.54 -5.50
C VAL B 174 -3.07 -13.28 -6.05
N GLU B 175 -3.87 -12.59 -6.86
CA GLU B 175 -5.09 -13.16 -7.44
C GLU B 175 -4.87 -14.43 -8.27
N ALA B 176 -3.83 -14.45 -9.09
CA ALA B 176 -3.52 -15.61 -9.93
C ALA B 176 -3.23 -16.90 -9.14
N ILE B 177 -2.85 -16.76 -7.87
CA ILE B 177 -2.54 -17.92 -7.01
C ILE B 177 -3.60 -18.19 -5.94
N ALA B 178 -4.08 -17.12 -5.29
CA ALA B 178 -4.88 -17.27 -4.07
C ALA B 178 -6.40 -17.30 -4.25
N SER B 179 -6.89 -16.77 -5.36
CA SER B 179 -8.32 -16.66 -5.58
C SER B 179 -8.91 -18.04 -5.89
N GLY B 180 -10.23 -18.15 -5.79
CA GLY B 180 -10.92 -19.40 -6.13
C GLY B 180 -10.63 -19.88 -7.54
N ARG B 181 -10.45 -18.93 -8.45
CA ARG B 181 -10.09 -19.20 -9.84
C ARG B 181 -8.64 -19.68 -9.99
N GLY B 182 -7.73 -19.07 -9.25
CA GLY B 182 -6.33 -19.50 -9.23
C GLY B 182 -6.14 -20.85 -8.56
N ILE B 183 -6.93 -21.12 -7.52
CA ILE B 183 -6.94 -22.42 -6.87
C ILE B 183 -7.38 -23.48 -7.89
N ALA B 184 -8.48 -23.20 -8.59
CA ALA B 184 -9.00 -24.12 -9.60
C ALA B 184 -8.07 -24.33 -10.81
N ALA B 185 -7.34 -23.29 -11.20
CA ALA B 185 -6.45 -23.37 -12.36
C ALA B 185 -5.17 -24.16 -12.08
N ALA B 186 -4.80 -24.27 -10.81
CA ALA B 186 -3.59 -24.98 -10.42
C ALA B 186 -3.86 -26.47 -10.21
N ALA B 187 -5.14 -26.85 -10.22
CA ALA B 187 -5.55 -28.23 -9.96
C ALA B 187 -5.13 -29.17 -11.07
N GLN B 188 -4.47 -30.26 -10.68
CA GLN B 188 -4.04 -31.29 -11.61
C GLN B 188 -4.70 -32.61 -11.25
N GLY B 189 -4.50 -33.63 -12.09
CA GLY B 189 -4.97 -34.97 -11.79
C GLY B 189 -6.48 -35.06 -11.70
N GLU B 190 -6.96 -35.76 -10.68
CA GLU B 190 -8.40 -35.96 -10.50
C GLU B 190 -9.12 -34.68 -10.09
N LEU B 191 -8.34 -33.68 -9.69
CA LEU B 191 -8.86 -32.38 -9.30
C LEU B 191 -8.99 -31.41 -10.47
N ALA B 192 -8.37 -31.73 -11.60
CA ALA B 192 -8.44 -30.86 -12.78
C ALA B 192 -9.87 -30.65 -13.21
N GLY B 193 -10.28 -29.38 -13.34
CA GLY B 193 -11.62 -29.05 -13.75
C GLY B 193 -12.62 -28.84 -12.62
N ALA B 194 -12.21 -29.17 -11.40
CA ALA B 194 -13.05 -28.94 -10.22
C ALA B 194 -12.99 -27.46 -9.81
N ASP B 195 -14.10 -26.92 -9.34
CA ASP B 195 -14.09 -25.53 -8.86
C ASP B 195 -13.62 -25.44 -7.42
N ALA B 196 -13.39 -24.20 -6.96
CA ALA B 196 -12.89 -23.93 -5.60
C ALA B 196 -13.73 -24.59 -4.52
N LYS B 197 -15.05 -24.53 -4.69
CA LYS B 197 -16.02 -25.17 -3.82
C LYS B 197 -15.72 -26.66 -3.66
N THR B 198 -15.64 -27.36 -4.79
CA THR B 198 -15.32 -28.79 -4.79
C THR B 198 -13.97 -29.05 -4.13
N ILE B 199 -12.97 -28.25 -4.48
CA ILE B 199 -11.62 -28.39 -3.94
C ILE B 199 -11.58 -28.22 -2.41
N PHE B 200 -12.32 -27.26 -1.88
CA PHE B 200 -12.45 -27.11 -0.43
C PHE B 200 -13.09 -28.32 0.23
N THR B 201 -14.11 -28.89 -0.44
CA THR B 201 -14.76 -30.11 0.03
C THR B 201 -13.78 -31.27 0.06
N ARG B 202 -13.05 -31.47 -1.04
CA ARG B 202 -12.04 -32.54 -1.12
C ARG B 202 -10.96 -32.42 -0.05
N ALA B 203 -10.47 -31.20 0.16
CA ALA B 203 -9.51 -30.90 1.22
C ALA B 203 -10.09 -31.25 2.61
N GLY B 204 -11.37 -30.98 2.80
CA GLY B 204 -12.09 -31.40 4.01
C GLY B 204 -12.01 -32.89 4.27
N GLN B 205 -11.94 -33.69 3.22
CA GLN B 205 -11.81 -35.15 3.34
C GLN B 205 -10.37 -35.64 3.31
N GLY B 206 -9.41 -34.73 3.49
CA GLY B 206 -8.01 -35.14 3.57
C GLY B 206 -7.33 -35.39 2.23
N ASP B 207 -7.91 -34.88 1.15
CA ASP B 207 -7.24 -34.91 -0.16
C ASP B 207 -6.03 -33.97 -0.09
N GLU B 208 -4.84 -34.58 -0.17
CA GLU B 208 -3.54 -33.91 -0.05
C GLU B 208 -3.33 -32.75 -1.02
N GLN B 209 -3.62 -32.99 -2.31
CA GLN B 209 -3.46 -31.98 -3.35
C GLN B 209 -4.39 -30.78 -3.12
N ALA B 210 -5.65 -31.08 -2.82
CA ALA B 210 -6.65 -30.06 -2.53
C ALA B 210 -6.21 -29.20 -1.35
N GLN B 211 -5.71 -29.86 -0.31
CA GLN B 211 -5.21 -29.16 0.87
C GLN B 211 -4.07 -28.22 0.51
N GLN B 212 -3.13 -28.70 -0.31
CA GLN B 212 -1.96 -27.90 -0.70
C GLN B 212 -2.31 -26.69 -1.55
N LEU B 213 -3.30 -26.84 -2.43
CA LEU B 213 -3.81 -25.73 -3.23
C LEU B 213 -4.38 -24.63 -2.34
N ILE B 214 -4.99 -25.03 -1.23
CA ILE B 214 -5.61 -24.08 -0.30
C ILE B 214 -4.58 -23.44 0.64
N HIS B 215 -3.63 -24.25 1.11
CA HIS B 215 -2.47 -23.77 1.86
C HIS B 215 -1.67 -22.75 1.04
N ARG B 216 -1.48 -23.02 -0.25
CA ARG B 216 -0.78 -22.09 -1.14
C ARG B 216 -1.52 -20.74 -1.25
N SER B 217 -2.84 -20.79 -1.38
CA SER B 217 -3.70 -19.61 -1.36
C SER B 217 -3.58 -18.82 -0.06
N ALA B 218 -3.67 -19.52 1.07
CA ALA B 218 -3.62 -18.89 2.39
C ALA B 218 -2.24 -18.34 2.71
N ARG B 219 -1.20 -19.06 2.30
CA ARG B 219 0.18 -18.56 2.44
C ARG B 219 0.40 -17.29 1.60
N THR B 220 -0.13 -17.29 0.39
CA THR B 220 -0.07 -16.11 -0.48
C THR B 220 -0.76 -14.92 0.18
N LEU B 221 -1.92 -15.17 0.78
CA LEU B 221 -2.69 -14.11 1.41
C LEU B 221 -1.99 -13.56 2.65
N ALA B 222 -1.35 -14.45 3.42
CA ALA B 222 -0.58 -14.04 4.60
C ALA B 222 0.59 -13.12 4.25
N ARG B 223 1.28 -13.43 3.16
CA ARG B 223 2.40 -12.60 2.74
C ARG B 223 1.90 -11.24 2.25
N LEU B 224 0.76 -11.23 1.56
CA LEU B 224 0.09 -10.00 1.12
C LEU B 224 -0.23 -9.14 2.33
N ILE B 225 -0.77 -9.78 3.37
CA ILE B 225 -1.16 -9.08 4.58
C ILE B 225 0.05 -8.45 5.26
N ALA B 226 1.19 -9.16 5.27
CA ALA B 226 2.44 -8.59 5.75
C ALA B 226 2.86 -7.37 4.91
N ASP B 227 2.81 -7.49 3.59
CA ASP B 227 3.04 -6.36 2.68
C ASP B 227 2.18 -5.14 3.01
N ILE B 228 0.89 -5.38 3.17
CA ILE B 228 -0.09 -4.32 3.43
C ILE B 228 0.13 -3.67 4.80
N LYS B 229 0.51 -4.49 5.78
CA LYS B 229 0.89 -4.00 7.10
C LYS B 229 2.10 -3.05 7.00
N ALA B 230 3.11 -3.48 6.27
CA ALA B 230 4.31 -2.67 6.04
C ALA B 230 4.01 -1.36 5.29
N THR B 231 3.03 -1.41 4.38
CA THR B 231 2.68 -0.27 3.55
C THR B 231 1.75 0.72 4.25
N THR B 232 0.71 0.20 4.91
CA THR B 232 -0.38 1.03 5.41
C THR B 232 -0.40 1.18 6.94
N ASP B 233 0.28 0.26 7.63
CA ASP B 233 0.23 0.18 9.09
C ASP B 233 -1.21 0.07 9.60
N CYS B 234 -2.07 -0.63 8.86
CA CYS B 234 -3.44 -0.89 9.28
C CYS B 234 -3.49 -1.57 10.64
N GLN B 235 -4.54 -1.32 11.39
CA GLN B 235 -4.70 -1.87 12.74
C GLN B 235 -5.35 -3.23 12.73
N CYS B 236 -6.17 -3.49 11.72
CA CYS B 236 -6.71 -4.82 11.50
C CYS B 236 -7.03 -5.05 10.04
N VAL B 237 -7.13 -6.33 9.66
CA VAL B 237 -7.51 -6.73 8.32
C VAL B 237 -8.76 -7.58 8.42
N VAL B 238 -9.79 -7.20 7.68
CA VAL B 238 -11.03 -7.97 7.61
C VAL B 238 -11.02 -8.81 6.34
N VAL B 239 -11.24 -10.13 6.48
CA VAL B 239 -11.18 -11.05 5.34
C VAL B 239 -12.57 -11.60 5.01
N GLY B 240 -13.00 -11.42 3.76
CA GLY B 240 -14.30 -11.90 3.29
C GLY B 240 -14.30 -12.60 1.95
N GLY B 241 -15.49 -12.74 1.36
CA GLY B 241 -15.64 -13.51 0.13
C GLY B 241 -15.86 -14.99 0.41
N SER B 242 -16.30 -15.73 -0.62
CA SER B 242 -16.63 -17.15 -0.48
C SER B 242 -15.43 -18.05 -0.14
N VAL B 243 -14.23 -17.66 -0.57
CA VAL B 243 -13.02 -18.40 -0.22
C VAL B 243 -12.52 -17.92 1.14
N GLY B 244 -12.53 -16.61 1.34
CA GLY B 244 -12.03 -16.00 2.55
C GLY B 244 -12.78 -16.42 3.79
N LEU B 245 -14.09 -16.67 3.63
CA LEU B 245 -14.99 -17.09 4.70
C LEU B 245 -15.17 -18.59 4.78
N ALA B 246 -14.57 -19.33 3.84
CA ALA B 246 -14.62 -20.79 3.88
C ALA B 246 -14.01 -21.33 5.18
N GLU B 247 -14.70 -22.30 5.79
CA GLU B 247 -14.28 -22.82 7.11
C GLU B 247 -12.82 -23.23 7.16
N GLY B 248 -12.10 -22.71 8.16
CA GLY B 248 -10.69 -23.07 8.34
C GLY B 248 -9.70 -22.23 7.56
N TYR B 249 -10.20 -21.39 6.64
CA TYR B 249 -9.31 -20.60 5.77
C TYR B 249 -8.63 -19.46 6.50
N LEU B 250 -9.40 -18.70 7.28
CA LEU B 250 -8.84 -17.59 8.04
C LEU B 250 -7.79 -18.07 9.05
N ALA B 251 -8.10 -19.17 9.74
CA ALA B 251 -7.17 -19.80 10.69
C ALA B 251 -5.83 -20.13 10.04
N LEU B 252 -5.88 -20.66 8.81
CA LEU B 252 -4.70 -20.95 8.01
C LEU B 252 -3.90 -19.67 7.72
N VAL B 253 -4.58 -18.62 7.29
CA VAL B 253 -3.94 -17.33 6.99
C VAL B 253 -3.25 -16.77 8.24
N GLU B 254 -3.96 -16.80 9.36
CA GLU B 254 -3.47 -16.30 10.64
C GLU B 254 -2.22 -17.04 11.07
N THR B 255 -2.26 -18.36 10.94
CA THR B 255 -1.14 -19.26 11.23
C THR B 255 0.11 -18.92 10.39
N TYR B 256 -0.09 -18.66 9.10
CA TYR B 256 1.03 -18.31 8.24
C TYR B 256 1.58 -16.90 8.51
N LEU B 257 0.68 -15.97 8.79
CA LEU B 257 1.09 -14.61 9.14
C LEU B 257 1.92 -14.58 10.44
N ALA B 258 1.58 -15.48 11.36
CA ALA B 258 2.28 -15.61 12.65
C ALA B 258 3.74 -16.05 12.47
N GLN B 259 4.05 -16.68 11.34
CA GLN B 259 5.40 -17.12 11.02
C GLN B 259 6.28 -15.97 10.54
N GLU B 260 5.66 -14.88 10.08
CA GLU B 260 6.40 -13.66 9.74
C GLU B 260 6.86 -12.95 11.03
N PRO B 261 7.87 -12.07 10.93
CA PRO B 261 8.30 -11.27 12.06
C PRO B 261 7.16 -10.49 12.71
N ALA B 262 7.28 -10.27 14.02
CA ALA B 262 6.21 -9.72 14.85
C ALA B 262 5.69 -8.37 14.37
N ALA B 263 6.56 -7.57 13.76
CA ALA B 263 6.17 -6.25 13.25
C ALA B 263 5.16 -6.28 12.10
N PHE B 264 5.08 -7.41 11.41
CA PHE B 264 4.19 -7.56 10.26
C PHE B 264 2.84 -8.17 10.66
N HIS B 265 2.71 -8.50 11.95
CA HIS B 265 1.50 -9.08 12.47
C HIS B 265 0.44 -8.00 12.57
N VAL B 266 -0.80 -8.38 12.28
CA VAL B 266 -1.93 -7.49 12.41
C VAL B 266 -3.13 -8.38 12.73
N ASP B 267 -4.06 -7.86 13.53
CA ASP B 267 -5.24 -8.61 13.93
C ASP B 267 -6.14 -8.89 12.72
N LEU B 268 -6.55 -10.14 12.59
CA LEU B 268 -7.38 -10.58 11.49
C LEU B 268 -8.79 -10.82 12.00
N LEU B 269 -9.77 -10.53 11.15
CA LEU B 269 -11.18 -10.68 11.51
C LEU B 269 -11.96 -11.25 10.33
N ALA B 270 -12.96 -12.08 10.64
CA ALA B 270 -13.88 -12.55 9.62
C ALA B 270 -14.80 -11.40 9.25
N ALA B 271 -15.16 -11.31 7.98
CA ALA B 271 -16.11 -10.32 7.49
C ALA B 271 -17.44 -10.45 8.20
N HIS B 272 -18.01 -9.31 8.59
CA HIS B 272 -19.31 -9.28 9.25
C HIS B 272 -20.46 -9.55 8.28
N TYR B 273 -20.36 -9.02 7.07
CA TYR B 273 -21.38 -9.23 6.05
C TYR B 273 -20.96 -10.29 5.05
N ARG B 274 -21.75 -11.36 4.97
CA ARG B 274 -21.49 -12.42 4.00
C ARG B 274 -22.00 -12.01 2.62
N HIS B 275 -23.16 -11.36 2.59
CA HIS B 275 -23.74 -10.89 1.34
C HIS B 275 -24.08 -9.41 1.44
N ASP B 276 -24.16 -8.75 0.27
CA ASP B 276 -24.68 -7.38 0.13
C ASP B 276 -23.85 -6.26 0.75
N ALA B 277 -22.58 -6.51 1.04
CA ALA B 277 -21.71 -5.51 1.64
C ALA B 277 -21.44 -4.31 0.72
N GLY B 278 -21.39 -4.56 -0.58
CA GLY B 278 -21.22 -3.49 -1.55
C GLY B 278 -22.43 -2.56 -1.58
N LEU B 279 -23.61 -3.17 -1.62
CA LEU B 279 -24.88 -2.44 -1.55
C LEU B 279 -24.93 -1.55 -0.31
N LEU B 280 -24.61 -2.15 0.83
CA LEU B 280 -24.62 -1.47 2.13
C LEU B 280 -23.58 -0.37 2.20
N GLY B 281 -22.35 -0.71 1.83
CA GLY B 281 -21.23 0.23 1.83
C GLY B 281 -21.41 1.42 0.93
N ALA B 282 -22.06 1.21 -0.21
CA ALA B 282 -22.37 2.30 -1.14
C ALA B 282 -23.37 3.29 -0.55
N ALA B 283 -24.41 2.76 0.10
CA ALA B 283 -25.42 3.59 0.75
C ALA B 283 -24.83 4.39 1.90
N LEU B 284 -23.93 3.76 2.66
CA LEU B 284 -23.26 4.42 3.79
C LEU B 284 -22.36 5.57 3.32
N LEU B 285 -21.67 5.37 2.20
CA LEU B 285 -20.86 6.42 1.60
C LEU B 285 -21.71 7.58 1.09
N ALA B 286 -22.87 7.26 0.53
CA ALA B 286 -23.79 8.28 0.03
C ALA B 286 -24.38 9.15 1.15
N GLN B 287 -24.37 8.62 2.38
CA GLN B 287 -24.84 9.36 3.55
C GLN B 287 -23.90 10.49 3.96
N GLY B 288 -22.62 10.38 3.60
CA GLY B 288 -21.66 11.44 3.84
C GLY B 288 -21.46 12.35 2.63
N GLU B 289 -22.54 12.60 1.89
CA GLU B 289 -22.49 13.47 0.72
C GLU B 289 -23.35 14.72 0.88
#